data_5T5A
#
_entry.id   5T5A
#
_cell.length_a   39.304
_cell.length_b   39.304
_cell.length_c   228.413
_cell.angle_alpha   90.00
_cell.angle_beta   90.00
_cell.angle_gamma   90.00
#
_symmetry.space_group_name_H-M   'P 41 21 2'
#
loop_
_entity.id
_entity.type
_entity.pdbx_description
1 polymer 'DNA/RNA (71-MER)'
2 non-polymer 'MAGNESIUM ION'
3 water water
#
_entity_poly.entity_id   1
_entity_poly.type   'polydeoxyribonucleotide/polyribonucleotide hybrid'
_entity_poly.pdbx_seq_one_letter_code
;GCAGGGCAAGGCCCAGUCCCGUGCAAGCCGGGACCG(CBV)C(CBV)CGGGGCGCGGCGCU(DC)AUUCCUGC
;
_entity_poly.pdbx_strand_id   A
#